data_4I0S
#
_entry.id   4I0S
#
_cell.length_a   39.797
_cell.length_b   85.341
_cell.length_c   90.212
_cell.angle_alpha   90.00
_cell.angle_beta   90.00
_cell.angle_gamma   90.00
#
_symmetry.space_group_name_H-M   'P 21 21 21'
#
loop_
_entity.id
_entity.type
_entity.pdbx_description
1 polymer 'Tyrosine-protein kinase SYK'
2 non-polymer 2-(6-chloro-1-methyl-1H-indazol-3-yl)-N-(propan-2-yl)-5H-pyrrolo[2,3-b]pyrazine-7-carboxamide
3 water water
#
_entity_poly.entity_id   1
_entity_poly.type   'polypeptide(L)'
_entity_poly.pdbx_seq_one_letter_code
;MALEEIRPKEVYLDRKLLTLEDKELGSGNFGTVKKGYYQMKKVVKTVAVKILKNEANDPALKDELLAEANVMQQLDNPYI
VRMIGICEAESWMLVMEMAELGPLNKYLQQNRHVKDKNIIELVHQVSMGMKYLEESNFVHRDLAARNVLLVTQHYAKISD
FGLSKALRADENYYKAQTHGKWPVKWYAPECINYYKFSSKSDVWSFGVLMWEAFSYGQKPYRGMKGSEVTAMLEKGERMG
CPAGCPREMYDLMNLCWTYDVENRPGFAAVELRLRNYYYDVVNEGHHHHHH
;
_entity_poly.pdbx_strand_id   A
#
loop_
_chem_comp.id
_chem_comp.type
_chem_comp.name
_chem_comp.formula
1B5 non-polymer 2-(6-chloro-1-methyl-1H-indazol-3-yl)-N-(propan-2-yl)-5H-pyrrolo[2,3-b]pyrazine-7-carboxamide 'C18 H17 Cl N6 O'
#
# COMPACT_ATOMS: atom_id res chain seq x y z
N VAL A 11 -18.20 3.43 -15.99
CA VAL A 11 -17.98 3.23 -14.53
C VAL A 11 -18.92 2.17 -13.95
N TYR A 12 -20.19 2.19 -14.37
CA TYR A 12 -21.15 1.18 -13.92
C TYR A 12 -21.11 -0.05 -14.82
N LEU A 13 -21.05 -1.22 -14.21
CA LEU A 13 -20.87 -2.48 -14.94
C LEU A 13 -22.16 -3.29 -15.02
N ASP A 14 -22.17 -4.23 -15.96
CA ASP A 14 -23.30 -5.11 -16.22
C ASP A 14 -23.13 -6.39 -15.41
N ARG A 15 -24.10 -6.69 -14.55
CA ARG A 15 -24.06 -7.87 -13.68
C ARG A 15 -23.98 -9.20 -14.44
N LYS A 16 -24.72 -9.32 -15.54
CA LYS A 16 -24.73 -10.57 -16.32
C LYS A 16 -23.40 -10.87 -17.02
N LEU A 17 -22.55 -9.85 -17.15
CA LEU A 17 -21.19 -10.02 -17.70
C LEU A 17 -20.19 -10.40 -16.62
N LEU A 18 -20.65 -10.48 -15.37
CA LEU A 18 -19.79 -10.73 -14.22
C LEU A 18 -20.12 -12.07 -13.56
N THR A 19 -19.09 -12.90 -13.36
CA THR A 19 -19.23 -14.19 -12.69
C THR A 19 -18.31 -14.26 -11.48
N LEU A 20 -18.90 -14.55 -10.31
CA LEU A 20 -18.16 -14.65 -9.05
C LEU A 20 -17.91 -16.10 -8.64
N GLU A 21 -16.74 -16.35 -8.08
CA GLU A 21 -16.47 -17.61 -7.38
C GLU A 21 -17.14 -17.58 -6.02
N ASP A 22 -17.51 -18.76 -5.51
CA ASP A 22 -18.10 -18.85 -4.17
C ASP A 22 -17.05 -18.78 -3.05
N LYS A 23 -15.78 -18.98 -3.41
CA LYS A 23 -14.66 -18.88 -2.47
C LYS A 23 -14.26 -17.43 -2.23
N GLU A 24 -13.67 -17.18 -1.07
CA GLU A 24 -13.15 -15.84 -0.73
C GLU A 24 -11.63 -15.78 -0.86
N LEU A 25 -11.11 -14.59 -1.12
CA LEU A 25 -9.67 -14.34 -1.14
C LEU A 25 -9.19 -13.74 0.18
N GLY A 26 -9.88 -12.69 0.64
CA GLY A 26 -9.49 -11.97 1.85
C GLY A 26 -10.33 -10.71 2.02
N SER A 27 -10.08 -9.96 3.10
CA SER A 27 -10.84 -8.75 3.39
C SER A 27 -9.96 -7.54 3.67
N GLY A 28 -10.39 -6.38 3.19
CA GLY A 28 -9.68 -5.12 3.43
C GLY A 28 -10.32 -4.33 4.55
N ASN A 29 -10.14 -3.01 4.53
CA ASN A 29 -10.75 -2.12 5.51
C ASN A 29 -12.27 -2.26 5.55
N PHE A 30 -12.89 -2.30 4.37
CA PHE A 30 -14.34 -2.50 4.25
C PHE A 30 -14.61 -3.61 3.23
N GLY A 31 -15.53 -4.51 3.57
CA GLY A 31 -15.95 -5.57 2.65
C GLY A 31 -15.00 -6.76 2.52
N THR A 32 -15.37 -7.71 1.67
CA THR A 32 -14.59 -8.93 1.43
C THR A 32 -14.34 -9.09 -0.06
N VAL A 33 -13.17 -9.63 -0.41
CA VAL A 33 -12.76 -9.73 -1.82
C VAL A 33 -12.83 -11.16 -2.35
N LYS A 34 -13.42 -11.30 -3.53
CA LYS A 34 -13.58 -12.59 -4.21
C LYS A 34 -13.03 -12.55 -5.63
N LYS A 35 -12.62 -13.70 -6.14
CA LYS A 35 -12.19 -13.83 -7.53
C LYS A 35 -13.42 -13.82 -8.45
N GLY A 36 -13.28 -13.14 -9.58
CA GLY A 36 -14.35 -13.05 -10.57
C GLY A 36 -13.87 -12.99 -12.00
N TYR A 37 -14.83 -12.98 -12.92
CA TYR A 37 -14.54 -12.90 -14.35
C TYR A 37 -15.47 -11.88 -15.00
N TYR A 38 -14.88 -10.96 -15.77
CA TYR A 38 -15.65 -9.97 -16.49
C TYR A 38 -15.48 -10.11 -18.01
N GLN A 39 -16.60 -10.31 -18.70
CA GLN A 39 -16.62 -10.40 -20.16
C GLN A 39 -16.36 -9.02 -20.76
N MET A 40 -15.14 -8.82 -21.28
CA MET A 40 -14.77 -7.54 -21.89
C MET A 40 -15.26 -7.53 -23.34
N LYS A 41 -14.82 -6.52 -24.09
CA LYS A 41 -15.24 -6.33 -25.49
C LYS A 41 -15.03 -7.58 -26.34
N LYS A 42 -14.01 -8.37 -26.01
CA LYS A 42 -13.65 -9.57 -26.78
C LYS A 42 -13.16 -10.70 -25.87
N VAL A 43 -12.32 -10.33 -24.91
CA VAL A 43 -11.67 -11.28 -24.01
C VAL A 43 -12.47 -11.44 -22.71
N VAL A 44 -12.04 -12.37 -21.86
CA VAL A 44 -12.55 -12.43 -20.49
C VAL A 44 -11.43 -12.01 -19.55
N LYS A 45 -11.75 -11.12 -18.62
CA LYS A 45 -10.77 -10.60 -17.68
C LYS A 45 -11.03 -11.12 -16.27
N THR A 46 -10.03 -11.82 -15.73
CA THR A 46 -10.03 -12.21 -14.33
C THR A 46 -9.92 -10.95 -13.48
N VAL A 47 -10.81 -10.84 -12.49
CA VAL A 47 -10.89 -9.65 -11.64
C VAL A 47 -10.98 -10.02 -10.17
N ALA A 48 -10.62 -9.08 -9.30
CA ALA A 48 -10.87 -9.20 -7.87
C ALA A 48 -12.03 -8.28 -7.54
N VAL A 49 -13.01 -8.81 -6.80
CA VAL A 49 -14.26 -8.08 -6.56
C VAL A 49 -14.48 -7.91 -5.06
N LYS A 50 -14.61 -6.66 -4.63
CA LYS A 50 -14.86 -6.34 -3.23
C LYS A 50 -16.37 -6.26 -3.01
N ILE A 51 -16.87 -7.05 -2.08
CA ILE A 51 -18.31 -7.16 -1.79
C ILE A 51 -18.60 -6.82 -0.32
N LEU A 52 -19.78 -6.29 -0.04
CA LEU A 52 -20.15 -5.92 1.33
C LEU A 52 -20.91 -7.02 2.06
N PRO A 59 -25.79 0.65 5.83
CA PRO A 59 -26.05 1.88 5.09
C PRO A 59 -24.80 2.76 4.94
N ALA A 60 -24.04 2.92 6.03
CA ALA A 60 -22.79 3.68 6.01
C ALA A 60 -21.69 2.96 5.23
N LEU A 61 -21.73 1.63 5.26
CA LEU A 61 -20.75 0.78 4.58
C LEU A 61 -20.83 0.93 3.05
N LYS A 62 -22.03 1.21 2.57
CA LYS A 62 -22.29 1.47 1.15
C LYS A 62 -21.56 2.73 0.66
N ASP A 63 -21.66 3.81 1.44
CA ASP A 63 -21.07 5.10 1.09
C ASP A 63 -19.53 5.09 1.10
N GLU A 64 -18.95 4.32 2.00
CA GLU A 64 -17.49 4.19 2.08
C GLU A 64 -16.91 3.42 0.89
N LEU A 65 -17.66 2.43 0.40
CA LEU A 65 -17.25 1.69 -0.80
C LEU A 65 -17.35 2.58 -2.05
N LEU A 66 -18.41 3.39 -2.12
CA LEU A 66 -18.59 4.35 -3.21
C LEU A 66 -17.50 5.44 -3.19
N ALA A 67 -17.17 5.93 -2.00
CA ALA A 67 -16.06 6.88 -1.83
C ALA A 67 -14.74 6.26 -2.27
N GLU A 68 -14.51 5.02 -1.85
CA GLU A 68 -13.33 4.25 -2.25
C GLU A 68 -13.26 4.11 -3.77
N ALA A 69 -14.39 3.74 -4.37
CA ALA A 69 -14.54 3.67 -5.83
C ALA A 69 -14.26 5.02 -6.49
N ASN A 70 -14.80 6.09 -5.91
CA ASN A 70 -14.56 7.44 -6.40
C ASN A 70 -13.07 7.78 -6.43
N VAL A 71 -12.35 7.40 -5.37
CA VAL A 71 -10.90 7.61 -5.30
C VAL A 71 -10.17 6.84 -6.40
N MET A 72 -10.45 5.54 -6.50
CA MET A 72 -9.77 4.67 -7.46
C MET A 72 -10.00 5.13 -8.89
N GLN A 73 -11.21 5.61 -9.17
CA GLN A 73 -11.59 6.11 -10.49
C GLN A 73 -10.59 7.14 -11.03
N GLN A 74 -10.13 8.01 -10.16
CA GLN A 74 -9.27 9.14 -10.53
C GLN A 74 -7.81 8.73 -10.76
N LEU A 75 -7.45 7.52 -10.36
CA LEU A 75 -6.05 7.08 -10.38
C LEU A 75 -5.69 6.27 -11.61
N ASP A 76 -4.57 6.63 -12.21
CA ASP A 76 -4.11 6.02 -13.45
C ASP A 76 -2.59 5.88 -13.38
N ASN A 77 -2.13 4.70 -12.96
CA ASN A 77 -0.71 4.41 -12.76
C ASN A 77 -0.46 2.90 -12.75
N PRO A 78 0.64 2.44 -13.36
CA PRO A 78 0.92 1.00 -13.45
C PRO A 78 1.13 0.32 -12.10
N TYR A 79 1.56 1.07 -11.08
CA TYR A 79 1.88 0.48 -9.78
C TYR A 79 0.77 0.69 -8.75
N ILE A 80 -0.43 0.92 -9.28
CA ILE A 80 -1.65 1.02 -8.47
C ILE A 80 -2.71 0.11 -9.09
N VAL A 81 -3.43 -0.61 -8.24
CA VAL A 81 -4.55 -1.44 -8.64
C VAL A 81 -5.64 -0.56 -9.29
N ARG A 82 -5.98 -0.85 -10.54
CA ARG A 82 -7.00 -0.09 -11.26
C ARG A 82 -8.39 -0.66 -10.98
N MET A 83 -9.36 0.22 -10.82
CA MET A 83 -10.75 -0.17 -10.70
C MET A 83 -11.33 -0.42 -12.09
N ILE A 84 -11.99 -1.56 -12.27
CA ILE A 84 -12.69 -1.84 -13.52
C ILE A 84 -14.03 -1.12 -13.54
N GLY A 85 -14.72 -1.15 -12.41
CA GLY A 85 -15.99 -0.45 -12.24
C GLY A 85 -16.73 -0.89 -11.00
N ILE A 86 -18.00 -0.51 -10.91
CA ILE A 86 -18.86 -0.89 -9.80
C ILE A 86 -20.15 -1.52 -10.29
N CYS A 87 -20.76 -2.34 -9.44
CA CYS A 87 -22.02 -3.00 -9.78
C CYS A 87 -22.89 -3.19 -8.53
N GLU A 88 -24.17 -2.87 -8.65
CA GLU A 88 -25.13 -3.06 -7.56
C GLU A 88 -26.00 -4.28 -7.84
N ALA A 89 -25.75 -5.35 -7.09
CA ALA A 89 -26.56 -6.56 -7.19
C ALA A 89 -26.98 -7.02 -5.80
N GLU A 90 -26.72 -8.28 -5.47
CA GLU A 90 -26.97 -8.83 -4.15
C GLU A 90 -26.40 -7.92 -3.08
N SER A 91 -25.27 -7.31 -3.42
CA SER A 91 -24.63 -6.27 -2.64
C SER A 91 -23.91 -5.33 -3.60
N TRP A 92 -23.47 -4.17 -3.10
CA TRP A 92 -22.58 -3.29 -3.86
C TRP A 92 -21.25 -4.00 -4.10
N MET A 93 -20.71 -3.84 -5.30
CA MET A 93 -19.47 -4.53 -5.69
C MET A 93 -18.48 -3.58 -6.33
N LEU A 94 -17.22 -3.71 -5.92
CA LEU A 94 -16.13 -2.92 -6.46
C LEU A 94 -15.19 -3.86 -7.22
N VAL A 95 -15.23 -3.77 -8.55
CA VAL A 95 -14.49 -4.69 -9.41
C VAL A 95 -13.13 -4.09 -9.77
N MET A 96 -12.06 -4.82 -9.44
CA MET A 96 -10.68 -4.35 -9.59
C MET A 96 -9.81 -5.35 -10.36
N GLU A 97 -8.65 -4.87 -10.83
CA GLU A 97 -7.61 -5.72 -11.38
C GLU A 97 -7.23 -6.84 -10.42
N MET A 98 -7.00 -8.02 -10.97
CA MET A 98 -6.53 -9.17 -10.20
C MET A 98 -5.00 -9.21 -10.11
N ALA A 99 -4.51 -9.41 -8.90
CA ALA A 99 -3.08 -9.63 -8.66
C ALA A 99 -2.97 -11.01 -8.01
N GLU A 100 -2.73 -12.01 -8.86
CA GLU A 100 -2.81 -13.43 -8.50
C GLU A 100 -1.91 -13.89 -7.34
N LEU A 101 -0.72 -13.31 -7.22
CA LEU A 101 0.23 -13.74 -6.18
C LEU A 101 -0.13 -13.22 -4.79
N GLY A 102 -1.09 -12.29 -4.72
CA GLY A 102 -1.62 -11.81 -3.45
C GLY A 102 -0.75 -10.83 -2.68
N PRO A 103 -1.07 -10.60 -1.40
CA PRO A 103 -0.43 -9.60 -0.52
C PRO A 103 1.05 -9.89 -0.30
N LEU A 104 1.85 -8.82 -0.32
CA LEU A 104 3.31 -8.89 -0.23
C LEU A 104 3.79 -9.55 1.07
N ASN A 105 3.14 -9.22 2.19
CA ASN A 105 3.56 -9.77 3.48
C ASN A 105 3.42 -11.30 3.51
N LYS A 106 2.26 -11.79 3.07
CA LYS A 106 2.00 -13.22 2.99
C LYS A 106 2.93 -13.91 2.02
N TYR A 107 3.21 -13.26 0.88
CA TYR A 107 4.08 -13.85 -0.14
C TYR A 107 5.49 -14.07 0.37
N LEU A 108 6.03 -13.06 1.04
CA LEU A 108 7.39 -13.15 1.61
C LEU A 108 7.45 -14.13 2.78
N GLN A 109 6.38 -14.19 3.58
CA GLN A 109 6.29 -15.21 4.63
C GLN A 109 6.41 -16.62 4.05
N GLN A 110 5.83 -16.83 2.87
CA GLN A 110 5.77 -18.15 2.24
C GLN A 110 6.90 -18.41 1.26
N ASN A 111 7.65 -17.37 0.93
CA ASN A 111 8.77 -17.47 -0.03
C ASN A 111 10.01 -16.77 0.52
N ARG A 112 10.69 -17.45 1.44
CA ARG A 112 11.79 -16.84 2.19
C ARG A 112 13.11 -16.72 1.42
N HIS A 113 13.19 -17.37 0.26
CA HIS A 113 14.42 -17.32 -0.56
C HIS A 113 14.40 -16.22 -1.64
N VAL A 114 13.37 -15.37 -1.60
CA VAL A 114 13.32 -14.17 -2.41
C VAL A 114 14.54 -13.32 -2.07
N LYS A 115 15.28 -12.90 -3.10
CA LYS A 115 16.55 -12.21 -2.91
C LYS A 115 16.33 -10.74 -2.57
N ASP A 116 17.31 -10.13 -1.90
CA ASP A 116 17.22 -8.73 -1.51
C ASP A 116 17.04 -7.79 -2.72
N LYS A 117 17.67 -8.13 -3.84
CA LYS A 117 17.53 -7.35 -5.08
C LYS A 117 16.06 -7.32 -5.53
N ASN A 118 15.39 -8.47 -5.44
CA ASN A 118 13.97 -8.61 -5.77
C ASN A 118 13.10 -7.76 -4.85
N ILE A 119 13.45 -7.73 -3.56
CA ILE A 119 12.71 -6.95 -2.58
C ILE A 119 12.88 -5.45 -2.87
N ILE A 120 14.11 -5.05 -3.19
CA ILE A 120 14.41 -3.66 -3.56
C ILE A 120 13.58 -3.23 -4.77
N GLU A 121 13.49 -4.13 -5.77
CA GLU A 121 12.70 -3.88 -6.97
C GLU A 121 11.23 -3.63 -6.64
N LEU A 122 10.67 -4.45 -5.76
CA LEU A 122 9.26 -4.35 -5.38
C LEU A 122 8.94 -3.10 -4.57
N VAL A 123 9.76 -2.78 -3.56
CA VAL A 123 9.53 -1.57 -2.78
C VAL A 123 9.77 -0.31 -3.62
N HIS A 124 10.69 -0.37 -4.58
CA HIS A 124 10.87 0.74 -5.50
C HIS A 124 9.61 1.00 -6.31
N GLN A 125 8.97 -0.07 -6.78
CA GLN A 125 7.73 0.04 -7.55
C GLN A 125 6.61 0.66 -6.70
N VAL A 126 6.57 0.29 -5.42
CA VAL A 126 5.64 0.92 -4.48
C VAL A 126 5.93 2.42 -4.36
N SER A 127 7.21 2.80 -4.28
CA SER A 127 7.58 4.21 -4.18
C SER A 127 7.18 5.02 -5.42
N MET A 128 7.20 4.36 -6.58
CA MET A 128 6.74 4.98 -7.85
C MET A 128 5.22 5.21 -7.84
N GLY A 129 4.47 4.24 -7.34
CA GLY A 129 3.02 4.41 -7.17
C GLY A 129 2.68 5.53 -6.20
N MET A 130 3.46 5.62 -5.12
CA MET A 130 3.25 6.63 -4.08
C MET A 130 3.71 8.02 -4.52
N LYS A 131 4.76 8.08 -5.34
CA LYS A 131 5.19 9.35 -5.94
C LYS A 131 4.04 9.93 -6.76
N TYR A 132 3.36 9.06 -7.49
CA TYR A 132 2.22 9.44 -8.31
C TYR A 132 1.04 9.92 -7.44
N LEU A 133 0.75 9.18 -6.37
CA LEU A 133 -0.35 9.52 -5.47
C LEU A 133 -0.12 10.88 -4.83
N GLU A 134 1.11 11.12 -4.38
CA GLU A 134 1.55 12.41 -3.83
C GLU A 134 1.37 13.54 -4.85
N GLU A 135 1.80 13.28 -6.10
CA GLU A 135 1.66 14.23 -7.19
C GLU A 135 0.17 14.51 -7.50
N SER A 136 -0.66 13.50 -7.27
CA SER A 136 -2.11 13.60 -7.45
C SER A 136 -2.84 14.20 -6.24
N ASN A 137 -2.08 14.50 -5.19
CA ASN A 137 -2.61 15.02 -3.92
C ASN A 137 -3.66 14.12 -3.26
N PHE A 138 -3.39 12.82 -3.25
CA PHE A 138 -4.17 11.86 -2.51
C PHE A 138 -3.28 11.30 -1.42
N VAL A 139 -3.87 11.10 -0.25
CA VAL A 139 -3.19 10.41 0.86
C VAL A 139 -3.80 9.01 0.98
N HIS A 140 -2.93 8.00 1.03
CA HIS A 140 -3.36 6.61 1.11
C HIS A 140 -3.95 6.24 2.48
N ARG A 141 -3.20 6.55 3.54
CA ARG A 141 -3.63 6.35 4.94
C ARG A 141 -3.73 4.91 5.44
N ASP A 142 -3.29 3.95 4.62
CA ASP A 142 -3.20 2.56 5.09
C ASP A 142 -2.09 1.84 4.35
N LEU A 143 -0.95 2.51 4.21
CA LEU A 143 0.16 1.97 3.43
C LEU A 143 0.96 0.98 4.26
N ALA A 144 0.80 -0.30 3.94
CA ALA A 144 1.41 -1.40 4.69
C ALA A 144 1.65 -2.54 3.73
N ALA A 145 2.53 -3.47 4.11
CA ALA A 145 2.85 -4.61 3.24
C ALA A 145 1.62 -5.43 2.86
N ARG A 146 0.63 -5.52 3.76
CA ARG A 146 -0.62 -6.26 3.49
C ARG A 146 -1.43 -5.71 2.30
N ASN A 147 -1.21 -4.43 1.98
CA ASN A 147 -1.92 -3.74 0.91
C ASN A 147 -1.10 -3.55 -0.37
N VAL A 148 0.04 -4.22 -0.43
CA VAL A 148 0.82 -4.29 -1.66
C VAL A 148 0.57 -5.66 -2.26
N LEU A 149 0.01 -5.67 -3.47
CA LEU A 149 -0.36 -6.92 -4.14
C LEU A 149 0.59 -7.25 -5.28
N LEU A 150 0.89 -8.54 -5.42
CA LEU A 150 1.83 -9.01 -6.44
C LEU A 150 1.11 -9.57 -7.67
N VAL A 151 1.29 -8.88 -8.79
CA VAL A 151 0.83 -9.37 -10.09
C VAL A 151 1.77 -10.50 -10.52
N THR A 152 3.06 -10.25 -10.36
CA THR A 152 4.10 -11.28 -10.51
C THR A 152 5.13 -11.07 -9.41
N GLN A 153 6.12 -11.95 -9.35
CA GLN A 153 7.20 -11.86 -8.38
C GLN A 153 8.01 -10.56 -8.57
N HIS A 154 7.82 -9.93 -9.72
CA HIS A 154 8.60 -8.75 -10.09
C HIS A 154 7.69 -7.55 -10.44
N TYR A 155 6.46 -7.57 -9.95
CA TYR A 155 5.50 -6.53 -10.29
C TYR A 155 4.49 -6.32 -9.16
N ALA A 156 4.68 -5.23 -8.41
CA ALA A 156 3.81 -4.86 -7.29
C ALA A 156 2.84 -3.74 -7.63
N LYS A 157 1.65 -3.80 -7.03
CA LYS A 157 0.65 -2.75 -7.13
C LYS A 157 0.10 -2.42 -5.75
N ILE A 158 -0.15 -1.13 -5.53
CA ILE A 158 -0.75 -0.65 -4.30
C ILE A 158 -2.27 -0.80 -4.34
N SER A 159 -2.84 -1.34 -3.26
CA SER A 159 -4.27 -1.54 -3.16
C SER A 159 -4.89 -0.97 -1.86
N ASP A 160 -6.19 -1.23 -1.70
CA ASP A 160 -6.99 -0.82 -0.55
C ASP A 160 -6.97 0.67 -0.24
N PHE A 161 -7.83 1.39 -0.96
CA PHE A 161 -7.97 2.82 -0.81
C PHE A 161 -9.14 3.19 0.10
N GLY A 162 -9.51 2.25 0.98
CA GLY A 162 -10.65 2.42 1.89
C GLY A 162 -10.54 3.57 2.87
N LEU A 163 -9.31 3.95 3.22
CA LEU A 163 -9.07 5.08 4.11
C LEU A 163 -8.49 6.30 3.38
N SER A 164 -8.32 6.18 2.06
CA SER A 164 -7.70 7.24 1.28
C SER A 164 -8.54 8.51 1.17
N LYS A 165 -7.86 9.64 1.07
CA LYS A 165 -8.51 10.94 1.01
C LYS A 165 -7.93 11.79 -0.11
N ALA A 166 -8.80 12.46 -0.86
CA ALA A 166 -8.37 13.51 -1.78
C ALA A 166 -8.19 14.77 -0.98
N LEU A 167 -6.98 15.32 -0.99
CA LEU A 167 -6.69 16.57 -0.28
C LEU A 167 -7.41 17.76 -0.90
N ARG A 168 -7.88 18.65 -0.03
CA ARG A 168 -8.46 19.92 -0.48
C ARG A 168 -7.39 20.73 -1.21
N ALA A 169 -7.85 21.54 -2.16
CA ALA A 169 -6.96 22.38 -2.97
C ALA A 169 -6.14 23.38 -2.15
N ASP A 170 -6.64 23.69 -0.95
CA ASP A 170 -6.01 24.70 -0.08
C ASP A 170 -5.25 24.10 1.12
N GLU A 171 -5.22 22.78 1.22
CA GLU A 171 -4.61 22.09 2.37
C GLU A 171 -3.65 20.98 1.96
N ASN A 172 -2.59 20.82 2.75
CA ASN A 172 -1.56 19.79 2.51
C ASN A 172 -1.78 18.53 3.36
N TYR A 173 -2.83 18.57 4.18
CA TYR A 173 -3.12 17.47 5.09
C TYR A 173 -4.62 17.24 5.23
N TYR A 174 -4.99 16.00 5.54
CA TYR A 174 -6.35 15.67 5.93
C TYR A 174 -6.42 15.55 7.46
N LYS A 175 -7.41 16.21 8.04
CA LYS A 175 -7.62 16.22 9.48
C LYS A 175 -8.78 15.29 9.84
N ALA A 176 -8.46 14.20 10.52
CA ALA A 176 -9.49 13.23 10.93
C ALA A 176 -10.31 13.77 12.10
N LYS A 181 -10.90 2.18 14.52
CA LYS A 181 -9.63 1.49 14.66
C LYS A 181 -8.62 1.95 13.61
N TRP A 182 -7.45 2.36 14.08
CA TRP A 182 -6.38 2.82 13.20
C TRP A 182 -5.18 1.85 13.23
N PRO A 183 -4.49 1.69 12.08
CA PRO A 183 -3.23 0.93 12.05
C PRO A 183 -2.08 1.74 12.67
N VAL A 184 -2.18 1.99 13.98
CA VAL A 184 -1.25 2.85 14.74
C VAL A 184 0.24 2.56 14.49
N LYS A 185 0.59 1.29 14.36
CA LYS A 185 2.00 0.90 14.13
C LYS A 185 2.58 1.40 12.81
N TRP A 186 1.71 1.83 11.90
CA TRP A 186 2.15 2.42 10.63
C TRP A 186 2.07 3.96 10.61
N TYR A 187 1.50 4.54 11.65
CA TYR A 187 1.20 5.97 11.66
C TYR A 187 2.32 6.84 12.23
N ALA A 188 2.54 7.96 11.56
CA ALA A 188 3.55 8.95 11.96
C ALA A 188 3.11 9.67 13.24
N PRO A 189 4.06 10.28 13.96
CA PRO A 189 3.76 11.02 15.19
C PRO A 189 2.65 12.06 15.03
N GLU A 190 2.67 12.81 13.92
CA GLU A 190 1.64 13.84 13.67
C GLU A 190 0.22 13.27 13.47
N CYS A 191 0.14 12.03 12.99
CA CYS A 191 -1.15 11.35 12.87
C CYS A 191 -1.70 10.99 14.24
N ILE A 192 -0.81 10.49 15.09
CA ILE A 192 -1.17 10.10 16.45
C ILE A 192 -1.53 11.34 17.28
N ASN A 193 -0.71 12.37 17.18
CA ASN A 193 -0.80 13.52 18.09
C ASN A 193 -1.73 14.64 17.64
N TYR A 194 -1.92 14.78 16.32
CA TYR A 194 -2.69 15.89 15.77
C TYR A 194 -3.79 15.42 14.80
N TYR A 195 -3.89 14.11 14.60
CA TYR A 195 -4.85 13.51 13.63
C TYR A 195 -4.67 14.08 12.22
N LYS A 196 -3.44 14.46 11.89
CA LYS A 196 -3.13 15.07 10.60
C LYS A 196 -2.39 14.10 9.67
N PHE A 197 -2.93 13.92 8.47
CA PHE A 197 -2.43 12.93 7.51
C PHE A 197 -2.06 13.61 6.21
N SER A 198 -0.82 13.42 5.79
CA SER A 198 -0.31 14.03 4.58
C SER A 198 0.45 12.98 3.80
N SER A 199 1.02 13.37 2.66
CA SER A 199 1.91 12.48 1.92
C SER A 199 3.13 12.13 2.76
N LYS A 200 3.58 13.07 3.60
CA LYS A 200 4.72 12.80 4.50
C LYS A 200 4.37 11.71 5.49
N SER A 201 3.13 11.69 5.97
CA SER A 201 2.70 10.60 6.84
C SER A 201 2.67 9.27 6.09
N ASP A 202 2.31 9.30 4.80
CA ASP A 202 2.42 8.10 3.95
C ASP A 202 3.90 7.67 3.82
N VAL A 203 4.82 8.65 3.80
CA VAL A 203 6.26 8.33 3.78
C VAL A 203 6.72 7.57 5.01
N TRP A 204 6.27 8.02 6.19
CA TRP A 204 6.53 7.32 7.45
C TRP A 204 6.04 5.88 7.35
N SER A 205 4.78 5.73 6.94
CA SER A 205 4.18 4.42 6.71
C SER A 205 4.98 3.58 5.72
N PHE A 206 5.51 4.21 4.67
CA PHE A 206 6.33 3.50 3.68
C PHE A 206 7.59 2.91 4.30
N GLY A 207 8.17 3.61 5.27
CA GLY A 207 9.33 3.10 6.03
C GLY A 207 9.00 1.83 6.80
N VAL A 208 7.83 1.78 7.42
CA VAL A 208 7.41 0.58 8.14
C VAL A 208 7.18 -0.56 7.13
N LEU A 209 6.56 -0.22 6.00
CA LEU A 209 6.38 -1.17 4.89
C LEU A 209 7.72 -1.78 4.42
N MET A 210 8.73 -0.93 4.25
CA MET A 210 10.06 -1.41 3.88
C MET A 210 10.59 -2.38 4.92
N TRP A 211 10.46 -2.01 6.19
CA TRP A 211 10.90 -2.87 7.29
C TRP A 211 10.21 -4.23 7.22
N GLU A 212 8.89 -4.21 7.00
CA GLU A 212 8.12 -5.44 6.81
C GLU A 212 8.65 -6.31 5.67
N ALA A 213 8.95 -5.66 4.54
CA ALA A 213 9.40 -6.34 3.33
C ALA A 213 10.75 -7.02 3.55
N PHE A 214 11.68 -6.29 4.15
CA PHE A 214 13.01 -6.84 4.43
C PHE A 214 13.05 -7.81 5.61
N SER A 215 11.97 -7.82 6.39
CA SER A 215 11.78 -8.81 7.47
C SER A 215 10.92 -10.00 7.01
N TYR A 216 10.66 -10.07 5.71
CA TYR A 216 9.89 -11.15 5.10
C TYR A 216 8.48 -11.31 5.68
N GLY A 217 7.79 -10.18 5.85
CA GLY A 217 6.40 -10.18 6.29
C GLY A 217 6.19 -10.25 7.79
N GLN A 218 7.25 -10.04 8.55
CA GLN A 218 7.12 -9.98 10.01
C GLN A 218 6.34 -8.74 10.41
N LYS A 219 5.55 -8.86 11.48
CA LYS A 219 4.79 -7.73 12.01
C LYS A 219 5.73 -6.74 12.68
N PRO A 220 5.51 -5.43 12.43
CA PRO A 220 6.34 -4.43 13.09
C PRO A 220 5.97 -4.28 14.57
N TYR A 221 6.93 -3.80 15.37
CA TYR A 221 6.73 -3.58 16.81
C TYR A 221 6.10 -4.79 17.50
N ARG A 222 6.68 -5.96 17.21
CA ARG A 222 6.19 -7.25 17.69
C ARG A 222 5.90 -7.22 19.20
N GLY A 223 4.70 -7.68 19.56
CA GLY A 223 4.27 -7.84 20.95
C GLY A 223 4.04 -6.56 21.73
N MET A 224 4.02 -5.43 21.03
CA MET A 224 3.86 -4.13 21.68
C MET A 224 2.46 -3.56 21.43
N LYS A 225 1.92 -2.87 22.42
CA LYS A 225 0.66 -2.15 22.20
C LYS A 225 0.94 -0.71 21.76
N GLY A 226 -0.10 -0.08 21.19
CA GLY A 226 -0.01 1.29 20.66
C GLY A 226 0.71 2.27 21.57
N SER A 227 0.39 2.21 22.87
CA SER A 227 0.97 3.12 23.86
C SER A 227 2.47 2.89 24.06
N GLU A 228 2.89 1.64 23.94
CA GLU A 228 4.31 1.29 24.07
C GLU A 228 5.10 1.71 22.84
N VAL A 229 4.46 1.65 21.67
CA VAL A 229 5.05 2.19 20.44
C VAL A 229 5.30 3.70 20.59
N THR A 230 4.29 4.41 21.10
CA THR A 230 4.42 5.86 21.32
C THR A 230 5.59 6.21 22.24
N ALA A 231 5.72 5.48 23.36
CA ALA A 231 6.81 5.70 24.29
C ALA A 231 8.17 5.45 23.64
N MET A 232 8.25 4.40 22.83
CA MET A 232 9.47 4.06 22.11
C MET A 232 9.90 5.20 21.18
N LEU A 233 8.97 5.69 20.36
CA LEU A 233 9.25 6.75 19.40
C LEU A 233 9.69 8.07 20.06
N GLU A 234 9.05 8.43 21.17
CA GLU A 234 9.37 9.64 21.92
C GLU A 234 10.72 9.57 22.66
N LYS A 235 11.24 8.35 22.80
CA LYS A 235 12.61 8.13 23.27
C LYS A 235 13.60 8.21 22.10
N GLY A 236 13.07 8.54 20.91
CA GLY A 236 13.87 8.64 19.69
C GLY A 236 14.24 7.27 19.11
N GLU A 237 13.62 6.22 19.65
CA GLU A 237 14.00 4.85 19.28
C GLU A 237 13.21 4.34 18.06
N ARG A 238 13.89 3.56 17.23
CA ARG A 238 13.31 3.00 16.00
C ARG A 238 13.64 1.52 15.91
N MET A 239 12.77 0.77 15.24
CA MET A 239 13.01 -0.65 14.97
C MET A 239 14.40 -0.88 14.35
N GLY A 240 15.02 -1.99 14.72
CA GLY A 240 16.36 -2.32 14.25
C GLY A 240 16.43 -2.82 12.82
N CYS A 241 17.65 -2.95 12.31
CA CYS A 241 17.89 -3.41 10.97
C CYS A 241 17.58 -4.90 10.84
N PRO A 242 16.64 -5.28 9.94
CA PRO A 242 16.32 -6.69 9.74
C PRO A 242 17.53 -7.49 9.24
N ALA A 243 17.61 -8.75 9.64
CA ALA A 243 18.72 -9.64 9.22
C ALA A 243 18.83 -9.67 7.70
N GLY A 244 20.03 -9.37 7.21
CA GLY A 244 20.31 -9.40 5.77
C GLY A 244 19.87 -8.17 4.99
N CYS A 245 19.27 -7.19 5.67
CA CYS A 245 18.85 -5.97 4.99
C CYS A 245 20.07 -5.10 4.73
N PRO A 246 20.22 -4.58 3.50
CA PRO A 246 21.34 -3.71 3.18
C PRO A 246 21.29 -2.42 4.01
N ARG A 247 22.46 -1.94 4.44
CA ARG A 247 22.56 -0.74 5.28
C ARG A 247 21.94 0.48 4.60
N GLU A 248 22.13 0.58 3.29
CA GLU A 248 21.53 1.67 2.49
C GLU A 248 20.01 1.69 2.59
N MET A 249 19.39 0.52 2.66
CA MET A 249 17.94 0.39 2.76
C MET A 249 17.45 0.65 4.17
N TYR A 250 18.22 0.22 5.15
CA TYR A 250 17.92 0.55 6.54
C TYR A 250 18.02 2.05 6.79
N ASP A 251 19.05 2.69 6.22
CA ASP A 251 19.23 4.13 6.33
C ASP A 251 18.02 4.88 5.75
N LEU A 252 17.54 4.41 4.60
CA LEU A 252 16.35 5.00 3.98
C LEU A 252 15.11 4.86 4.86
N MET A 253 14.90 3.67 5.43
CA MET A 253 13.82 3.44 6.42
C MET A 253 13.86 4.49 7.52
N ASN A 254 15.05 4.66 8.11
CA ASN A 254 15.23 5.61 9.21
C ASN A 254 14.92 7.04 8.82
N LEU A 255 15.29 7.41 7.60
CA LEU A 255 14.98 8.71 7.05
C LEU A 255 13.46 8.92 6.89
N CYS A 256 12.75 7.87 6.47
CA CYS A 256 11.29 7.90 6.41
C CYS A 256 10.68 8.11 7.79
N TRP A 257 11.39 7.64 8.81
CA TRP A 257 10.97 7.76 10.21
C TRP A 257 11.53 9.03 10.89
N THR A 258 11.79 10.06 10.10
CA THR A 258 12.12 11.39 10.62
C THR A 258 10.92 11.94 11.39
N TYR A 259 11.14 12.27 12.66
CA TYR A 259 10.04 12.70 13.54
C TYR A 259 9.34 13.96 13.03
N ASP A 260 10.12 15.01 12.78
CA ASP A 260 9.57 16.27 12.29
C ASP A 260 9.17 16.16 10.82
N VAL A 261 7.90 16.46 10.54
CA VAL A 261 7.33 16.34 9.20
C VAL A 261 8.04 17.16 8.14
N GLU A 262 8.47 18.37 8.51
CA GLU A 262 9.14 19.28 7.58
C GLU A 262 10.49 18.76 7.10
N ASN A 263 11.21 18.07 7.98
CA ASN A 263 12.50 17.47 7.63
C ASN A 263 12.42 16.05 7.06
N ARG A 264 11.23 15.45 7.10
CA ARG A 264 11.00 14.13 6.49
C ARG A 264 10.91 14.28 4.96
N PRO A 265 11.55 13.37 4.21
CA PRO A 265 11.51 13.50 2.74
C PRO A 265 10.14 13.18 2.16
N GLY A 266 9.88 13.69 0.95
CA GLY A 266 8.69 13.34 0.18
C GLY A 266 8.98 12.14 -0.69
N PHE A 267 7.98 11.64 -1.40
CA PHE A 267 8.16 10.43 -2.22
C PHE A 267 9.06 10.64 -3.44
N ALA A 268 9.09 11.86 -3.97
CA ALA A 268 10.01 12.18 -5.07
C ALA A 268 11.45 11.85 -4.67
N ALA A 269 11.87 12.29 -3.48
CA ALA A 269 13.23 12.02 -3.00
C ALA A 269 13.43 10.57 -2.60
N VAL A 270 12.37 9.94 -2.06
CA VAL A 270 12.43 8.55 -1.66
C VAL A 270 12.59 7.61 -2.87
N GLU A 271 11.79 7.85 -3.91
CA GLU A 271 11.82 7.06 -5.14
C GLU A 271 13.20 7.13 -5.81
N LEU A 272 13.79 8.32 -5.83
CA LEU A 272 15.09 8.53 -6.46
C LEU A 272 16.21 7.77 -5.76
N ARG A 273 16.19 7.81 -4.43
CA ARG A 273 17.11 7.02 -3.62
C ARG A 273 16.98 5.52 -3.89
N LEU A 274 15.73 5.05 -3.97
CA LEU A 274 15.46 3.65 -4.28
C LEU A 274 15.84 3.26 -5.69
N ARG A 275 15.55 4.15 -6.65
CA ARG A 275 15.88 3.94 -8.06
C ARG A 275 17.38 3.79 -8.22
N ASN A 276 18.14 4.66 -7.56
CA ASN A 276 19.59 4.68 -7.67
C ASN A 276 20.26 3.48 -7.00
N TYR A 277 19.79 3.11 -5.82
CA TYR A 277 20.35 1.94 -5.13
C TYR A 277 20.02 0.63 -5.85
N TYR A 278 18.83 0.55 -6.44
CA TYR A 278 18.44 -0.62 -7.21
C TYR A 278 19.35 -0.84 -8.42
N TYR A 279 19.56 0.20 -9.22
CA TYR A 279 20.47 0.12 -10.38
C TYR A 279 21.90 -0.23 -9.96
N ASP A 280 22.30 0.24 -8.79
CA ASP A 280 23.60 -0.08 -8.21
C ASP A 280 23.76 -1.56 -7.89
N VAL A 281 22.69 -2.17 -7.36
CA VAL A 281 22.70 -3.60 -7.04
C VAL A 281 22.57 -4.43 -8.33
N VAL A 282 21.77 -3.94 -9.27
CA VAL A 282 21.57 -4.62 -10.56
C VAL A 282 22.88 -4.70 -11.35
N ASN A 283 23.58 -3.57 -11.46
CA ASN A 283 24.82 -3.49 -12.21
C ASN A 283 26.03 -4.12 -11.51
N GLU A 284 25.98 -4.16 -10.18
CA GLU A 284 26.99 -4.89 -9.41
C GLU A 284 26.79 -6.41 -9.49
N GLY A 285 25.54 -6.83 -9.72
CA GLY A 285 25.21 -8.23 -9.99
C GLY A 285 25.85 -8.75 -11.27
N HIS A 286 26.24 -7.83 -12.15
CA HIS A 286 26.96 -8.17 -13.39
C HIS A 286 28.46 -8.26 -13.18
N HIS A 287 28.94 -7.67 -12.09
CA HIS A 287 30.36 -7.74 -11.74
C HIS A 287 30.72 -9.08 -11.08
C1 1B5 B . -5.91 -10.16 -5.65
C2 1B5 B . -6.08 -10.08 -4.27
N3 1B5 B . -6.55 -8.96 -3.72
C4 1B5 B . -6.85 -7.92 -4.50
C5 1B5 B . -6.67 -8.01 -5.89
N6 1B5 B . -6.21 -9.14 -6.43
C7 1B5 B . -7.36 -6.57 -4.24
C8 1B5 B . -7.45 -5.96 -5.46
N9 1B5 B . -7.04 -6.82 -6.43
C10 1B5 B . -5.73 -11.25 -3.44
C11 1B5 B . -7.67 -5.98 -2.94
O12 1B5 B . -8.12 -4.85 -2.91
N13 1B5 B . -7.41 -6.69 -1.82
C14 1B5 B . -7.66 -6.17 -0.47
N15 1B5 B . -5.27 -12.39 -3.91
N16 1B5 B . -5.02 -13.28 -2.87
C17 1B5 B . -5.34 -12.66 -1.68
C18 1B5 B . -5.80 -11.37 -1.98
C19 1B5 B . -5.29 -13.08 -0.35
C20 1B5 B . -5.68 -12.22 0.65
C21 1B5 B . -6.13 -10.93 0.36
C22 1B5 B . -6.19 -10.50 -0.94
C23 1B5 B . -4.51 -14.64 -3.05
CL2 1B5 B . -5.60 -12.77 2.28
C25 1B5 B . -8.24 -7.29 0.42
C26 1B5 B . -6.30 -5.74 0.13
#